data_4ONA
#
_entry.id   4ONA
#
_cell.length_a   48.270
_cell.length_b   72.631
_cell.length_c   67.200
_cell.angle_alpha   90.00
_cell.angle_beta   102.36
_cell.angle_gamma   90.00
#
_symmetry.space_group_name_H-M   'P 1 21 1'
#
loop_
_entity.id
_entity.type
_entity.pdbx_description
1 polymer 'Calmodulin-domain protein kinase 1'
2 non-polymer 5-amino-1-tert-butyl-3-(7-ethoxyquinolin-3-yl)-1H-pyrazole-4-carboxamide
3 water water
#
_entity_poly.entity_id   1
_entity_poly.type   'polypeptide(L)'
_entity_poly.pdbx_seq_one_letter_code
;GPGSMMDHLHATPGMFVQHSTAIFSDRYKGQRVLGKGSFGEVILCKDKITGQECAVKVISKRQVKQKTDKESLLREVQLL
KQLDHPNIMKLYEFFEDKGYFYLVGEVYTGGELFDEIISRKRFSEVDAARIIRQVLSGITYMHKNKIVHRDLKPENLLLE
SKSKDANIRIIDFGLSTHFEASKKMKDKIGTAYYIAPEVLHGTYDEKCDVWSTGVILYILLSGCPPFNGANEYDILKKVE
KGKYTFELPQWKKVSESAKDLIRKMLTYVPSMRISARDALDHEWIQTYTKEQISVDVPSLDNAILNIRQFQGTQKLAQAA
LLYMGSKLTSQDETKELTAIFHKMDKNGDGQLDRAELIEGYKELMRMKGQDASMLDASAVEHEVDQVLDAVDFDKNGYIE
YSEFVTVAMDRKTLLSRERLERAFRMFDSDNSGKISSTELATIFGVSDVDSETWKSVLSEVDKNNDGEVDFDEFQQMLLK
LCGN
;
_entity_poly.pdbx_strand_id   A
#
loop_
_chem_comp.id
_chem_comp.type
_chem_comp.name
_chem_comp.formula
UW1 non-polymer 5-amino-1-tert-butyl-3-(7-ethoxyquinolin-3-yl)-1H-pyrazole-4-carboxamide 'C19 H23 N5 O2'
#
# COMPACT_ATOMS: atom_id res chain seq x y z
N SER A 20 2.49 31.73 17.09
CA SER A 20 1.99 30.59 17.90
C SER A 20 1.72 29.41 16.97
N THR A 21 2.78 28.72 16.51
CA THR A 21 2.65 27.72 15.44
C THR A 21 2.38 26.29 15.97
N ALA A 22 1.38 25.62 15.38
CA ALA A 22 0.83 24.35 15.90
C ALA A 22 1.63 23.14 15.45
N ILE A 23 2.01 22.31 16.41
CA ILE A 23 2.91 21.19 16.18
C ILE A 23 2.22 19.88 16.46
N PHE A 24 2.40 18.96 15.53
CA PHE A 24 1.69 17.73 15.50
C PHE A 24 1.81 16.92 16.78
N SER A 25 3.00 16.78 17.33
CA SER A 25 3.25 15.92 18.50
C SER A 25 2.92 16.57 19.86
N ASP A 26 2.64 17.87 19.86
CA ASP A 26 1.99 18.51 20.99
C ASP A 26 0.57 18.06 21.11
N ARG A 27 0.00 17.60 20.02
CA ARG A 27 -1.39 17.23 20.02
C ARG A 27 -1.63 15.72 19.91
N TYR A 28 -0.91 15.05 19.01
CA TYR A 28 -1.11 13.63 18.84
C TYR A 28 0.04 12.82 19.35
N LYS A 29 -0.23 11.66 19.91
CA LYS A 29 0.81 10.67 20.24
C LYS A 29 0.53 9.39 19.42
N GLY A 30 1.60 8.78 18.94
CA GLY A 30 1.49 7.61 18.09
C GLY A 30 1.28 6.39 18.94
N GLN A 31 0.37 5.54 18.50
CA GLN A 31 -0.05 4.38 19.24
C GLN A 31 0.60 3.14 18.65
N ARG A 32 0.42 2.99 17.34
CA ARG A 32 1.01 1.91 16.58
CA ARG A 32 1.00 1.89 16.59
C ARG A 32 0.96 2.20 15.09
N VAL A 33 1.53 1.33 14.30
CA VAL A 33 1.62 1.52 12.86
C VAL A 33 0.61 0.66 12.17
N LEU A 34 -0.18 1.26 11.27
CA LEU A 34 -1.28 0.55 10.63
C LEU A 34 -0.88 -0.05 9.30
N GLY A 35 0.13 0.55 8.69
CA GLY A 35 0.61 0.07 7.42
C GLY A 35 1.20 1.18 6.60
N LYS A 36 1.39 0.87 5.33
CA LYS A 36 2.17 1.69 4.44
C LYS A 36 1.29 1.96 3.24
N GLY A 37 1.13 3.24 2.92
CA GLY A 37 0.37 3.61 1.76
C GLY A 37 1.21 4.35 0.77
N SER A 38 0.56 4.81 -0.27
CA SER A 38 1.13 5.72 -1.20
C SER A 38 1.58 6.94 -0.44
N PHE A 39 2.82 7.35 -0.70
CA PHE A 39 3.43 8.57 -0.20
C PHE A 39 3.98 8.49 1.20
N GLY A 40 3.50 7.56 2.01
CA GLY A 40 4.09 7.39 3.34
C GLY A 40 3.51 6.33 4.27
N GLU A 41 3.98 6.41 5.51
CA GLU A 41 3.53 5.52 6.58
C GLU A 41 2.19 5.99 7.12
N VAL A 42 1.29 5.06 7.43
CA VAL A 42 0.11 5.40 8.19
C VAL A 42 0.22 4.88 9.66
N ILE A 43 0.21 5.83 10.59
CA ILE A 43 0.26 5.61 12.04
C ILE A 43 -1.14 5.82 12.67
N LEU A 44 -1.56 4.94 13.57
CA LEU A 44 -2.76 5.19 14.37
C LEU A 44 -2.34 6.11 15.48
N CYS A 45 -2.96 7.28 15.55
CA CYS A 45 -2.60 8.29 16.53
C CYS A 45 -3.75 8.63 17.45
N LYS A 46 -3.43 9.26 18.55
CA LYS A 46 -4.42 9.60 19.50
C LYS A 46 -4.24 11.03 19.99
N ASP A 47 -5.32 11.80 20.02
CA ASP A 47 -5.28 13.13 20.63
C ASP A 47 -4.94 13.03 22.13
N LYS A 48 -3.93 13.77 22.57
CA LYS A 48 -3.53 13.78 23.98
C LYS A 48 -4.55 14.39 24.97
N ILE A 49 -5.52 15.15 24.48
CA ILE A 49 -6.55 15.70 25.37
C ILE A 49 -7.92 15.03 25.24
N THR A 50 -8.36 14.76 24.02
CA THR A 50 -9.72 14.26 23.75
C THR A 50 -9.82 12.74 23.63
N GLY A 51 -8.67 12.09 23.39
CA GLY A 51 -8.60 10.63 23.23
C GLY A 51 -9.10 10.14 21.89
N GLN A 52 -9.36 11.06 20.96
CA GLN A 52 -9.87 10.69 19.65
CA GLN A 52 -9.86 10.70 19.65
C GLN A 52 -8.78 9.99 18.83
N GLU A 53 -9.12 8.82 18.28
CA GLU A 53 -8.22 8.07 17.43
C GLU A 53 -8.24 8.54 15.98
N CYS A 54 -7.05 8.58 15.37
CA CYS A 54 -6.93 9.01 13.98
CA CYS A 54 -6.89 9.07 14.00
C CYS A 54 -5.77 8.33 13.26
N ALA A 55 -5.98 8.13 11.95
CA ALA A 55 -4.95 7.55 11.08
C ALA A 55 -4.20 8.71 10.46
N VAL A 56 -2.89 8.77 10.69
CA VAL A 56 -2.11 9.89 10.25
C VAL A 56 -1.17 9.43 9.12
N LYS A 57 -1.37 9.95 7.92
CA LYS A 57 -0.39 9.69 6.85
C LYS A 57 0.83 10.59 7.01
N VAL A 58 2.01 10.02 7.19
CA VAL A 58 3.27 10.76 7.32
C VAL A 58 4.07 10.72 6.02
N ILE A 59 4.19 11.88 5.36
CA ILE A 59 4.90 12.02 4.09
C ILE A 59 6.22 12.69 4.34
N SER A 60 7.31 12.00 4.06
CA SER A 60 8.66 12.57 4.27
C SER A 60 9.03 13.47 3.12
N LYS A 61 9.44 14.70 3.42
CA LYS A 61 9.86 15.67 2.40
C LYS A 61 11.13 15.25 1.65
N ARG A 62 11.92 14.37 2.25
CA ARG A 62 13.11 13.88 1.61
C ARG A 62 12.84 12.76 0.58
N GLN A 63 11.71 12.08 0.67
CA GLN A 63 11.40 10.99 -0.25
C GLN A 63 10.40 11.35 -1.34
N VAL A 64 9.60 12.36 -1.06
CA VAL A 64 8.53 12.75 -1.94
C VAL A 64 8.69 14.23 -2.25
N LYS A 65 8.86 14.53 -3.53
CA LYS A 65 8.87 15.89 -3.99
C LYS A 65 7.42 16.40 -4.20
N GLN A 66 7.19 17.65 -3.81
CA GLN A 66 5.99 18.39 -4.18
C GLN A 66 6.00 18.82 -5.65
N LYS A 67 4.84 18.85 -6.29
CA LYS A 67 4.72 19.39 -7.66
C LYS A 67 4.23 20.84 -7.64
N THR A 68 3.57 21.22 -6.55
CA THR A 68 2.98 22.54 -6.41
C THR A 68 3.65 23.41 -5.33
N ASP A 69 3.28 24.69 -5.33
CA ASP A 69 3.70 25.61 -4.30
C ASP A 69 2.92 25.37 -3.02
N LYS A 70 3.44 25.92 -1.93
CA LYS A 70 2.78 25.91 -0.61
C LYS A 70 1.31 26.39 -0.66
N GLU A 71 1.08 27.59 -1.19
CA GLU A 71 -0.27 28.13 -1.34
C GLU A 71 -1.27 27.07 -1.83
N SER A 72 -0.91 26.41 -2.93
CA SER A 72 -1.83 25.54 -3.66
C SER A 72 -2.28 24.36 -2.81
N LEU A 73 -1.33 23.75 -2.13
CA LEU A 73 -1.60 22.61 -1.27
C LEU A 73 -2.47 22.91 -0.03
N LEU A 74 -2.18 24.01 0.66
CA LEU A 74 -3.02 24.47 1.76
C LEU A 74 -4.45 24.75 1.30
N ARG A 75 -4.61 25.33 0.12
CA ARG A 75 -5.94 25.60 -0.37
C ARG A 75 -6.70 24.31 -0.56
N GLU A 76 -6.02 23.32 -1.16
CA GLU A 76 -6.56 21.96 -1.29
C GLU A 76 -6.91 21.35 0.05
N VAL A 77 -6.00 21.37 1.00
CA VAL A 77 -6.31 20.81 2.33
C VAL A 77 -7.56 21.44 2.96
N GLN A 78 -7.70 22.75 2.86
CA GLN A 78 -8.85 23.46 3.42
C GLN A 78 -10.14 22.95 2.77
N LEU A 79 -10.13 22.82 1.46
CA LEU A 79 -11.29 22.34 0.75
C LEU A 79 -11.61 20.91 1.18
N LEU A 80 -10.62 20.01 1.18
CA LEU A 80 -10.86 18.60 1.54
C LEU A 80 -11.41 18.39 2.98
N LYS A 81 -11.09 19.29 3.89
CA LYS A 81 -11.58 19.23 5.25
C LYS A 81 -13.08 19.58 5.36
N GLN A 82 -13.57 20.34 4.38
CA GLN A 82 -14.96 20.74 4.34
C GLN A 82 -15.86 19.75 3.57
N LEU A 83 -15.26 18.83 2.83
CA LEU A 83 -16.04 17.91 2.03
C LEU A 83 -16.48 16.73 2.89
N ASP A 84 -17.65 16.20 2.59
CA ASP A 84 -18.23 15.06 3.33
C ASP A 84 -18.99 14.17 2.38
N HIS A 85 -18.62 12.91 2.39
CA HIS A 85 -19.35 11.91 1.66
C HIS A 85 -19.12 10.55 2.30
N PRO A 86 -20.18 9.73 2.35
CA PRO A 86 -20.01 8.43 3.00
C PRO A 86 -19.01 7.49 2.34
N ASN A 87 -18.62 7.73 1.09
CA ASN A 87 -17.61 6.86 0.45
C ASN A 87 -16.22 7.48 0.26
N ILE A 88 -15.90 8.49 1.03
CA ILE A 88 -14.66 9.20 0.90
C ILE A 88 -14.08 9.34 2.32
N MET A 89 -12.79 9.04 2.44
CA MET A 89 -12.14 9.26 3.71
C MET A 89 -12.28 10.70 4.14
N LYS A 90 -12.51 10.88 5.43
CA LYS A 90 -12.67 12.15 6.03
C LYS A 90 -11.32 12.64 6.55
N LEU A 91 -10.91 13.80 6.06
CA LEU A 91 -9.70 14.49 6.53
C LEU A 91 -10.02 15.44 7.68
N TYR A 92 -9.20 15.47 8.75
CA TYR A 92 -9.45 16.37 9.89
C TYR A 92 -8.44 17.50 10.06
N GLU A 93 -7.16 17.20 9.88
CA GLU A 93 -6.10 18.15 10.18
C GLU A 93 -4.88 17.94 9.27
N PHE A 94 -4.00 18.92 9.29
CA PHE A 94 -2.86 18.96 8.41
C PHE A 94 -1.77 19.72 9.11
N PHE A 95 -0.63 19.08 9.29
CA PHE A 95 0.55 19.70 9.88
C PHE A 95 1.72 19.54 8.92
N GLU A 96 2.60 20.52 8.95
CA GLU A 96 3.84 20.48 8.23
C GLU A 96 4.95 20.98 9.17
N ASP A 97 6.03 20.24 9.22
CA ASP A 97 7.20 20.72 9.90
C ASP A 97 8.34 20.52 8.91
N LYS A 98 9.56 20.62 9.37
CA LYS A 98 10.70 20.77 8.50
C LYS A 98 10.93 19.60 7.54
N GLY A 99 10.68 18.37 7.98
CA GLY A 99 10.95 17.20 7.16
C GLY A 99 9.73 16.39 6.81
N TYR A 100 8.54 16.77 7.29
CA TYR A 100 7.32 15.97 7.14
C TYR A 100 6.02 16.74 6.99
N PHE A 101 5.09 16.18 6.23
CA PHE A 101 3.70 16.59 6.23
C PHE A 101 2.95 15.54 7.03
N TYR A 102 1.94 15.95 7.78
CA TYR A 102 1.15 14.97 8.54
C TYR A 102 -0.31 15.14 8.17
N LEU A 103 -0.89 14.14 7.53
CA LEU A 103 -2.29 14.18 7.12
C LEU A 103 -3.14 13.34 8.08
N VAL A 104 -3.94 14.01 8.91
CA VAL A 104 -4.71 13.36 9.92
C VAL A 104 -6.12 13.04 9.42
N GLY A 105 -6.45 11.76 9.38
CA GLY A 105 -7.77 11.37 8.98
C GLY A 105 -8.44 10.38 9.90
N GLU A 106 -9.67 10.09 9.54
CA GLU A 106 -10.52 9.21 10.27
C GLU A 106 -9.92 7.83 10.08
N VAL A 107 -9.83 7.02 11.16
CA VAL A 107 -9.32 5.63 11.04
C VAL A 107 -10.41 4.62 10.62
N TYR A 108 -10.09 3.76 9.67
CA TYR A 108 -10.97 2.69 9.17
C TYR A 108 -10.32 1.33 9.39
N THR A 109 -11.08 0.37 9.92
CA THR A 109 -10.52 -0.87 10.45
C THR A 109 -10.88 -2.14 9.66
N GLY A 110 -11.44 -1.98 8.47
CA GLY A 110 -12.00 -3.09 7.69
C GLY A 110 -11.05 -3.63 6.65
N GLY A 111 -9.96 -2.90 6.40
CA GLY A 111 -8.90 -3.40 5.58
C GLY A 111 -9.17 -3.11 4.13
N GLU A 112 -8.28 -3.52 3.26
CA GLU A 112 -8.50 -3.33 1.84
C GLU A 112 -9.67 -4.20 1.35
N LEU A 113 -10.39 -3.68 0.37
CA LEU A 113 -11.51 -4.38 -0.24
C LEU A 113 -11.13 -5.79 -0.61
N PHE A 114 -10.16 -5.94 -1.50
CA PHE A 114 -9.81 -7.27 -2.05
C PHE A 114 -9.41 -8.27 -1.00
N ASP A 115 -8.70 -7.84 0.04
CA ASP A 115 -8.39 -8.72 1.18
C ASP A 115 -9.68 -9.28 1.81
N GLU A 116 -10.71 -8.44 1.95
CA GLU A 116 -11.98 -8.94 2.47
C GLU A 116 -12.65 -9.88 1.46
N ILE A 117 -12.70 -9.47 0.21
CA ILE A 117 -13.37 -10.23 -0.81
C ILE A 117 -12.83 -11.63 -1.03
N ILE A 118 -11.53 -11.82 -0.90
CA ILE A 118 -11.00 -13.19 -1.00
C ILE A 118 -11.48 -14.08 0.15
N SER A 119 -11.89 -13.49 1.27
CA SER A 119 -12.35 -14.24 2.45
C SER A 119 -13.84 -14.61 2.41
N ARG A 120 -14.59 -14.13 1.43
CA ARG A 120 -15.95 -14.62 1.21
C ARG A 120 -15.79 -15.94 0.49
N LYS A 121 -16.80 -16.79 0.57
CA LYS A 121 -16.82 -18.00 -0.24
C LYS A 121 -17.79 -17.85 -1.41
N ARG A 122 -18.45 -16.70 -1.48
CA ARG A 122 -19.43 -16.45 -2.51
C ARG A 122 -19.34 -14.98 -2.93
N PHE A 123 -19.43 -14.74 -4.24
CA PHE A 123 -19.39 -13.37 -4.76
C PHE A 123 -20.11 -13.28 -6.09
N SER A 124 -20.99 -12.30 -6.26
CA SER A 124 -21.80 -12.21 -7.47
C SER A 124 -21.88 -10.81 -8.08
N GLU A 125 -22.59 -10.69 -9.20
CA GLU A 125 -22.81 -9.43 -9.91
C GLU A 125 -23.60 -8.42 -9.09
N VAL A 126 -24.28 -8.88 -8.05
CA VAL A 126 -24.99 -8.00 -7.14
C VAL A 126 -23.98 -7.37 -6.17
N ASP A 127 -22.96 -8.11 -5.82
CA ASP A 127 -21.98 -7.66 -4.84
C ASP A 127 -20.99 -6.74 -5.50
N ALA A 128 -20.46 -7.16 -6.64
CA ALA A 128 -19.69 -6.30 -7.51
C ALA A 128 -20.41 -5.00 -7.79
N ALA A 129 -21.66 -5.08 -8.19
CA ALA A 129 -22.42 -3.86 -8.50
C ALA A 129 -22.61 -2.94 -7.30
N ARG A 130 -22.67 -3.48 -6.08
CA ARG A 130 -22.86 -2.67 -4.88
C ARG A 130 -21.59 -1.94 -4.54
N ILE A 131 -20.50 -2.63 -4.75
CA ILE A 131 -19.19 -2.05 -4.60
C ILE A 131 -18.96 -0.90 -5.56
N ILE A 132 -19.19 -1.12 -6.84
CA ILE A 132 -18.95 -0.09 -7.83
C ILE A 132 -19.90 1.09 -7.69
N ARG A 133 -21.13 0.87 -7.26
CA ARG A 133 -22.01 2.01 -7.00
C ARG A 133 -21.38 2.91 -5.93
N GLN A 134 -20.89 2.31 -4.85
CA GLN A 134 -20.21 3.08 -3.80
C GLN A 134 -19.05 3.89 -4.38
N VAL A 135 -18.21 3.24 -5.14
CA VAL A 135 -17.06 3.90 -5.66
C VAL A 135 -17.43 5.06 -6.56
N LEU A 136 -18.39 4.82 -7.46
CA LEU A 136 -18.80 5.84 -8.44
C LEU A 136 -19.41 7.00 -7.71
N SER A 137 -20.02 6.70 -6.59
CA SER A 137 -20.75 7.71 -5.87
C SER A 137 -19.77 8.65 -5.13
N GLY A 138 -18.68 8.14 -4.57
CA GLY A 138 -17.62 8.99 -4.02
C GLY A 138 -16.93 9.80 -5.12
N ILE A 139 -16.69 9.18 -6.25
CA ILE A 139 -16.02 9.82 -7.37
C ILE A 139 -16.83 10.98 -7.96
N THR A 140 -18.05 10.70 -8.40
CA THR A 140 -19.01 11.72 -8.81
C THR A 140 -19.00 12.91 -7.86
N TYR A 141 -19.04 12.62 -6.57
CA TYR A 141 -19.09 13.68 -5.59
C TYR A 141 -17.83 14.52 -5.71
N MET A 142 -16.66 13.86 -5.71
CA MET A 142 -15.38 14.58 -5.80
C MET A 142 -15.21 15.34 -7.12
N HIS A 143 -15.74 14.82 -8.22
CA HIS A 143 -15.58 15.47 -9.49
C HIS A 143 -16.40 16.74 -9.49
N LYS A 144 -17.54 16.71 -8.81
CA LYS A 144 -18.39 17.89 -8.64
C LYS A 144 -17.65 19.02 -8.00
N ASN A 145 -16.78 18.68 -7.07
CA ASN A 145 -15.87 19.66 -6.44
C ASN A 145 -14.49 19.79 -7.13
N LYS A 146 -14.38 19.25 -8.34
CA LYS A 146 -13.19 19.36 -9.22
C LYS A 146 -11.92 18.75 -8.64
N ILE A 147 -12.08 17.57 -8.06
CA ILE A 147 -10.98 16.83 -7.49
C ILE A 147 -10.93 15.48 -8.20
N VAL A 148 -9.73 15.15 -8.70
CA VAL A 148 -9.51 13.97 -9.51
C VAL A 148 -8.63 13.06 -8.66
N HIS A 149 -8.89 11.78 -8.67
CA HIS A 149 -8.02 10.89 -7.93
C HIS A 149 -6.69 10.65 -8.69
N ARG A 150 -6.83 10.16 -9.92
CA ARG A 150 -5.68 9.85 -10.78
C ARG A 150 -4.97 8.50 -10.50
N ASP A 151 -4.82 8.11 -9.24
CA ASP A 151 -4.15 6.87 -8.85
C ASP A 151 -5.11 5.84 -8.27
N LEU A 152 -6.30 5.75 -8.83
CA LEU A 152 -7.35 4.95 -8.21
C LEU A 152 -7.14 3.47 -8.49
N LYS A 153 -7.16 2.67 -7.44
CA LYS A 153 -6.87 1.26 -7.49
C LYS A 153 -7.38 0.54 -6.23
N PRO A 154 -7.39 -0.81 -6.19
CA PRO A 154 -7.99 -1.57 -5.10
C PRO A 154 -7.47 -1.26 -3.69
N GLU A 155 -6.16 -1.02 -3.56
CA GLU A 155 -5.53 -0.62 -2.27
C GLU A 155 -6.07 0.67 -1.70
N ASN A 156 -6.66 1.50 -2.56
CA ASN A 156 -7.25 2.75 -2.11
C ASN A 156 -8.73 2.61 -1.76
N LEU A 157 -9.23 1.39 -1.69
CA LEU A 157 -10.60 1.17 -1.24
C LEU A 157 -10.55 0.37 0.02
N LEU A 158 -10.80 1.07 1.14
CA LEU A 158 -10.91 0.42 2.44
C LEU A 158 -12.35 0.28 2.83
N LEU A 159 -12.63 -0.73 3.62
CA LEU A 159 -13.95 -0.88 4.24
C LEU A 159 -13.98 -0.20 5.61
N GLU A 160 -15.11 0.44 5.92
CA GLU A 160 -15.22 1.25 7.13
C GLU A 160 -14.89 0.46 8.37
N SER A 161 -15.41 -0.75 8.46
CA SER A 161 -15.20 -1.59 9.63
C SER A 161 -15.12 -3.05 9.22
N LYS A 162 -14.85 -3.92 10.21
CA LYS A 162 -14.81 -5.36 9.97
C LYS A 162 -16.21 -5.98 9.79
N SER A 163 -17.27 -5.15 9.84
CA SER A 163 -18.64 -5.59 9.50
C SER A 163 -18.73 -6.15 8.09
N LYS A 164 -19.64 -7.12 7.92
CA LYS A 164 -20.01 -7.68 6.63
C LYS A 164 -20.64 -6.65 5.68
N ASP A 165 -21.48 -5.76 6.22
CA ASP A 165 -22.20 -4.75 5.43
C ASP A 165 -21.45 -3.42 5.25
N ALA A 166 -20.14 -3.43 5.47
CA ALA A 166 -19.38 -2.20 5.66
C ALA A 166 -19.29 -1.34 4.40
N ASN A 167 -19.42 -0.03 4.58
CA ASN A 167 -19.20 0.88 3.48
C ASN A 167 -17.72 0.95 3.06
N ILE A 168 -17.51 1.36 1.82
CA ILE A 168 -16.20 1.53 1.24
C ILE A 168 -15.84 3.00 1.31
N ARG A 169 -14.62 3.28 1.76
CA ARG A 169 -14.08 4.61 1.83
C ARG A 169 -12.89 4.70 0.92
N ILE A 170 -12.89 5.67 0.02
CA ILE A 170 -11.80 5.89 -0.89
C ILE A 170 -10.80 6.81 -0.24
N ILE A 171 -9.57 6.35 -0.15
CA ILE A 171 -8.48 7.12 0.43
C ILE A 171 -7.61 7.78 -0.64
N ASP A 172 -6.96 8.87 -0.27
CA ASP A 172 -5.91 9.52 -1.10
C ASP A 172 -6.42 10.38 -2.24
N PHE A 173 -7.72 10.72 -2.23
CA PHE A 173 -8.14 11.82 -3.08
C PHE A 173 -7.27 13.04 -2.81
N GLY A 174 -6.76 13.68 -3.86
CA GLY A 174 -6.04 14.95 -3.67
C GLY A 174 -4.53 14.86 -3.61
N LEU A 175 -3.97 13.72 -3.26
CA LEU A 175 -2.54 13.67 -3.10
C LEU A 175 -1.77 13.70 -4.41
N SER A 176 -2.28 13.07 -5.43
CA SER A 176 -1.56 12.93 -6.67
C SER A 176 -1.32 14.26 -7.37
N THR A 177 -2.21 15.23 -7.19
CA THR A 177 -2.04 16.53 -7.80
C THR A 177 -0.92 17.33 -7.16
N HIS A 178 -0.59 17.02 -5.90
CA HIS A 178 0.45 17.81 -5.16
C HIS A 178 1.73 17.10 -4.84
N PHE A 179 1.77 15.80 -5.04
CA PHE A 179 2.99 15.05 -4.76
C PHE A 179 3.44 14.22 -5.93
N GLU A 180 4.72 14.26 -6.20
CA GLU A 180 5.31 13.39 -7.20
C GLU A 180 5.34 11.94 -6.66
N ALA A 181 4.63 11.07 -7.39
CA ALA A 181 4.66 9.60 -7.22
C ALA A 181 6.08 9.02 -7.19
N SER A 182 6.24 7.94 -6.41
CA SER A 182 7.53 7.29 -6.27
C SER A 182 7.89 6.49 -7.53
N LYS A 183 9.17 6.55 -7.88
CA LYS A 183 9.68 5.75 -8.97
C LYS A 183 10.13 4.38 -8.45
N LYS A 184 10.55 4.34 -7.19
CA LYS A 184 10.89 3.09 -6.49
C LYS A 184 9.77 2.07 -6.71
N MET A 185 10.13 0.88 -7.16
CA MET A 185 9.15 -0.15 -7.54
C MET A 185 8.41 -0.68 -6.29
N LYS A 186 9.09 -0.65 -5.13
CA LYS A 186 8.46 -0.96 -3.85
C LYS A 186 7.22 -0.10 -3.55
N ASP A 187 7.11 1.05 -4.23
CA ASP A 187 6.00 1.95 -4.04
C ASP A 187 5.02 1.89 -5.20
N LYS A 188 5.41 1.40 -6.38
CA LYS A 188 4.43 1.38 -7.50
C LYS A 188 3.93 0.00 -7.95
N ILE A 189 4.25 -1.04 -7.18
CA ILE A 189 3.68 -2.36 -7.42
C ILE A 189 2.17 -2.21 -7.57
N GLY A 190 1.65 -2.67 -8.70
CA GLY A 190 0.24 -2.73 -8.91
C GLY A 190 -0.42 -1.47 -9.40
N THR A 191 0.33 -0.48 -9.87
CA THR A 191 -0.29 0.75 -10.38
C THR A 191 -0.55 0.68 -11.85
N ALA A 192 0.33 -0.01 -12.57
CA ALA A 192 0.22 -0.16 -14.02
C ALA A 192 -1.09 -0.71 -14.50
N TYR A 193 -1.70 -1.64 -13.77
CA TYR A 193 -2.93 -2.20 -14.26
C TYR A 193 -4.02 -1.15 -14.40
N TYR A 194 -3.98 -0.07 -13.56
CA TYR A 194 -5.15 0.81 -13.35
C TYR A 194 -5.14 2.16 -14.05
N ILE A 195 -3.94 2.55 -14.47
CA ILE A 195 -3.71 3.93 -14.90
CA ILE A 195 -3.63 3.91 -14.94
C ILE A 195 -4.31 4.12 -16.28
N ALA A 196 -4.90 5.28 -16.50
CA ALA A 196 -5.58 5.59 -17.76
C ALA A 196 -4.58 5.94 -18.85
N PRO A 197 -4.78 5.43 -20.06
CA PRO A 197 -3.89 5.79 -21.14
C PRO A 197 -3.49 7.27 -21.14
N GLU A 198 -4.45 8.19 -21.08
CA GLU A 198 -4.15 9.63 -21.16
C GLU A 198 -3.27 10.20 -20.03
N VAL A 199 -3.24 9.53 -18.89
CA VAL A 199 -2.35 9.90 -17.78
C VAL A 199 -0.87 9.65 -18.15
N LEU A 200 -0.63 8.64 -18.96
CA LEU A 200 0.72 8.35 -19.45
C LEU A 200 1.23 9.41 -20.39
N HIS A 201 0.35 9.87 -21.27
CA HIS A 201 0.67 10.88 -22.28
C HIS A 201 0.61 12.30 -21.75
N GLY A 202 0.03 12.50 -20.57
CA GLY A 202 0.15 13.77 -19.86
C GLY A 202 -1.01 14.78 -19.90
N THR A 203 -1.99 14.57 -20.81
CA THR A 203 -3.19 15.38 -20.84
C THR A 203 -4.32 14.57 -20.23
N TYR A 204 -4.67 14.85 -18.98
CA TYR A 204 -5.72 14.06 -18.31
C TYR A 204 -6.70 14.95 -17.55
N ASP A 205 -7.91 14.45 -17.39
CA ASP A 205 -9.02 15.13 -16.69
C ASP A 205 -9.66 14.10 -15.77
N GLU A 206 -10.86 14.41 -15.27
CA GLU A 206 -11.55 13.53 -14.33
C GLU A 206 -11.94 12.15 -14.89
N LYS A 207 -12.14 12.04 -16.21
CA LYS A 207 -12.44 10.73 -16.78
C LYS A 207 -11.40 9.61 -16.51
N CYS A 208 -10.20 9.93 -16.03
CA CYS A 208 -9.20 8.89 -15.82
C CYS A 208 -9.65 8.06 -14.66
N ASP A 209 -10.42 8.67 -13.75
CA ASP A 209 -11.02 7.96 -12.64
C ASP A 209 -12.10 6.99 -13.05
N VAL A 210 -12.71 7.22 -14.21
CA VAL A 210 -13.74 6.30 -14.65
C VAL A 210 -13.05 5.13 -15.26
N TRP A 211 -11.94 5.34 -15.96
CA TRP A 211 -11.19 4.25 -16.56
C TRP A 211 -10.76 3.31 -15.48
N SER A 212 -10.10 3.85 -14.44
CA SER A 212 -9.60 3.02 -13.36
C SER A 212 -10.70 2.16 -12.74
N THR A 213 -11.89 2.73 -12.60
CA THR A 213 -13.01 2.07 -11.96
C THR A 213 -13.51 0.98 -12.90
N GLY A 214 -13.53 1.29 -14.18
CA GLY A 214 -13.80 0.31 -15.23
C GLY A 214 -12.87 -0.90 -15.21
N VAL A 215 -11.61 -0.67 -14.84
CA VAL A 215 -10.63 -1.74 -14.72
C VAL A 215 -10.92 -2.57 -13.48
N ILE A 216 -11.16 -1.88 -12.38
CA ILE A 216 -11.50 -2.53 -11.12
C ILE A 216 -12.74 -3.44 -11.26
N LEU A 217 -13.75 -2.95 -11.94
CA LEU A 217 -14.94 -3.76 -12.28
C LEU A 217 -14.60 -4.95 -13.16
N TYR A 218 -13.72 -4.80 -14.15
CA TYR A 218 -13.29 -5.93 -14.97
C TYR A 218 -12.66 -7.01 -14.10
N ILE A 219 -11.87 -6.60 -13.13
CA ILE A 219 -11.18 -7.56 -12.27
C ILE A 219 -12.15 -8.17 -11.32
N LEU A 220 -13.09 -7.38 -10.81
CA LEU A 220 -14.12 -7.93 -9.90
C LEU A 220 -15.02 -8.98 -10.55
N LEU A 221 -15.20 -8.89 -11.85
CA LEU A 221 -16.09 -9.81 -12.54
C LEU A 221 -15.39 -11.00 -13.19
N SER A 222 -14.09 -10.90 -13.40
CA SER A 222 -13.34 -11.99 -14.03
C SER A 222 -12.17 -12.53 -13.20
N GLY A 223 -11.66 -11.70 -12.30
CA GLY A 223 -10.44 -12.00 -11.56
C GLY A 223 -9.11 -11.72 -12.21
N CYS A 224 -9.09 -11.24 -13.44
CA CYS A 224 -7.85 -10.90 -14.14
C CYS A 224 -7.86 -9.45 -14.59
N PRO A 225 -6.66 -8.87 -14.76
CA PRO A 225 -6.61 -7.52 -15.23
C PRO A 225 -6.89 -7.48 -16.70
N PRO A 226 -7.57 -6.43 -17.18
CA PRO A 226 -7.77 -6.34 -18.62
C PRO A 226 -6.47 -6.10 -19.43
N PHE A 227 -5.53 -5.35 -18.86
CA PHE A 227 -4.24 -5.14 -19.48
C PHE A 227 -3.20 -5.82 -18.58
N ASN A 228 -2.51 -6.84 -19.09
CA ASN A 228 -1.58 -7.60 -18.26
C ASN A 228 -0.29 -7.81 -19.01
N GLY A 229 0.73 -8.31 -18.31
CA GLY A 229 2.05 -8.50 -18.92
C GLY A 229 3.08 -9.01 -17.91
N ALA A 230 4.21 -9.47 -18.42
CA ALA A 230 5.23 -10.11 -17.60
C ALA A 230 6.02 -9.14 -16.68
N ASN A 231 5.78 -7.83 -16.83
CA ASN A 231 6.45 -6.79 -16.05
C ASN A 231 5.76 -5.48 -16.29
N GLU A 232 6.14 -4.46 -15.53
CA GLU A 232 5.50 -3.17 -15.60
C GLU A 232 5.40 -2.60 -17.04
N TYR A 233 6.49 -2.55 -17.80
CA TYR A 233 6.46 -1.82 -19.08
C TYR A 233 5.65 -2.57 -20.13
N ASP A 234 5.70 -3.90 -20.08
CA ASP A 234 4.78 -4.72 -20.84
C ASP A 234 3.33 -4.35 -20.53
N ILE A 235 3.02 -4.12 -19.26
CA ILE A 235 1.63 -3.80 -18.86
C ILE A 235 1.23 -2.44 -19.40
N LEU A 236 2.11 -1.45 -19.24
CA LEU A 236 1.86 -0.11 -19.79
C LEU A 236 1.67 -0.10 -21.31
N LYS A 237 2.31 -1.01 -22.03
CA LYS A 237 2.19 -1.05 -23.51
C LYS A 237 0.79 -1.51 -23.96
N LYS A 238 0.28 -2.56 -23.33
CA LYS A 238 -1.12 -2.96 -23.48
C LYS A 238 -2.11 -1.82 -23.16
N VAL A 239 -1.94 -1.17 -22.04
CA VAL A 239 -2.82 -0.11 -21.64
C VAL A 239 -2.79 0.97 -22.69
N GLU A 240 -1.60 1.31 -23.14
CA GLU A 240 -1.44 2.43 -24.05
C GLU A 240 -2.07 2.12 -25.42
N LYS A 241 -2.07 0.85 -25.81
CA LYS A 241 -2.81 0.39 -26.98
C LYS A 241 -4.31 0.36 -26.71
N GLY A 242 -4.73 0.05 -25.48
CA GLY A 242 -6.11 0.15 -25.09
C GLY A 242 -7.00 -0.98 -25.52
N LYS A 243 -6.42 -2.06 -26.04
CA LYS A 243 -7.16 -3.26 -26.50
C LYS A 243 -7.32 -4.35 -25.41
N TYR A 244 -8.56 -4.74 -25.15
CA TYR A 244 -8.85 -5.75 -24.14
C TYR A 244 -9.98 -6.57 -24.74
N THR A 245 -10.23 -7.74 -24.19
CA THR A 245 -11.26 -8.59 -24.75
C THR A 245 -12.00 -9.27 -23.63
N PHE A 246 -13.22 -9.69 -23.93
CA PHE A 246 -14.03 -10.44 -22.98
C PHE A 246 -14.02 -11.92 -23.29
N GLU A 247 -12.91 -12.42 -23.85
CA GLU A 247 -12.93 -13.75 -24.48
C GLU A 247 -12.77 -14.92 -23.51
N LEU A 248 -12.46 -14.67 -22.24
CA LEU A 248 -12.19 -15.75 -21.28
C LEU A 248 -13.46 -16.51 -20.83
N PRO A 249 -13.33 -17.80 -20.47
CA PRO A 249 -14.48 -18.63 -20.12
C PRO A 249 -15.42 -17.99 -19.11
N GLN A 250 -14.85 -17.34 -18.11
CA GLN A 250 -15.67 -16.78 -17.04
C GLN A 250 -16.50 -15.56 -17.43
N TRP A 251 -16.29 -15.00 -18.61
CA TRP A 251 -17.16 -13.92 -19.08
C TRP A 251 -18.49 -14.47 -19.58
N LYS A 252 -18.55 -15.79 -19.82
CA LYS A 252 -19.81 -16.48 -20.16
C LYS A 252 -20.84 -16.32 -19.02
N LYS A 253 -20.38 -16.23 -17.77
CA LYS A 253 -21.26 -16.07 -16.58
C LYS A 253 -21.84 -14.66 -16.30
N VAL A 254 -21.58 -13.69 -17.18
CA VAL A 254 -21.78 -12.27 -16.89
C VAL A 254 -22.66 -11.53 -17.90
N SER A 255 -23.53 -10.67 -17.42
CA SER A 255 -24.55 -10.05 -18.25
C SER A 255 -23.96 -9.11 -19.33
N GLU A 256 -24.62 -9.06 -20.48
CA GLU A 256 -24.23 -8.13 -21.53
C GLU A 256 -24.14 -6.74 -20.97
N SER A 257 -25.05 -6.46 -20.06
CA SER A 257 -25.19 -5.17 -19.47
C SER A 257 -23.95 -4.69 -18.74
N ALA A 258 -23.38 -5.56 -17.91
CA ALA A 258 -22.13 -5.25 -17.26
C ALA A 258 -20.98 -5.09 -18.28
N LYS A 259 -21.01 -5.85 -19.37
CA LYS A 259 -19.93 -5.76 -20.32
C LYS A 259 -20.02 -4.45 -21.08
N ASP A 260 -21.24 -3.94 -21.16
CA ASP A 260 -21.51 -2.73 -21.89
C ASP A 260 -21.02 -1.57 -21.06
N LEU A 261 -21.15 -1.65 -19.75
CA LEU A 261 -20.70 -0.57 -18.89
C LEU A 261 -19.17 -0.52 -18.93
N ILE A 262 -18.57 -1.68 -18.68
CA ILE A 262 -17.14 -1.80 -18.87
C ILE A 262 -16.70 -1.19 -20.18
N ARG A 263 -17.31 -1.54 -21.30
CA ARG A 263 -16.86 -0.93 -22.55
C ARG A 263 -16.90 0.56 -22.54
N LYS A 264 -17.94 1.13 -21.93
CA LYS A 264 -18.08 2.57 -21.87
C LYS A 264 -17.10 3.23 -20.91
N MET A 265 -16.64 2.50 -19.90
CA MET A 265 -15.71 3.06 -18.98
C MET A 265 -14.30 2.91 -19.53
N LEU A 266 -14.05 1.91 -20.34
CA LEU A 266 -12.72 1.66 -20.86
C LEU A 266 -12.63 2.22 -22.26
N THR A 267 -13.33 3.31 -22.53
CA THR A 267 -13.30 3.91 -23.86
C THR A 267 -12.03 4.77 -23.91
N TYR A 268 -11.32 4.66 -25.03
CA TYR A 268 -10.00 5.25 -25.20
C TYR A 268 -10.07 6.73 -25.03
N VAL A 269 -10.81 7.40 -25.91
CA VAL A 269 -10.80 8.84 -25.93
C VAL A 269 -11.71 9.27 -24.79
N PRO A 270 -11.17 10.12 -23.90
CA PRO A 270 -11.89 10.46 -22.67
C PRO A 270 -13.16 11.22 -22.93
N SER A 271 -13.15 12.04 -23.98
CA SER A 271 -14.33 12.81 -24.32
C SER A 271 -15.51 11.88 -24.64
N MET A 272 -15.23 10.66 -25.06
CA MET A 272 -16.29 9.72 -25.43
C MET A 272 -16.59 8.77 -24.27
N ARG A 273 -15.80 8.82 -23.22
CA ARG A 273 -15.94 7.85 -22.15
C ARG A 273 -17.04 8.37 -21.26
N ILE A 274 -17.82 7.44 -20.69
CA ILE A 274 -18.95 7.78 -19.84
C ILE A 274 -18.45 8.52 -18.59
N SER A 275 -19.22 9.50 -18.11
CA SER A 275 -18.92 10.16 -16.83
C SER A 275 -19.28 9.30 -15.59
N ALA A 276 -18.66 9.60 -14.45
CA ALA A 276 -18.98 8.85 -13.27
C ALA A 276 -20.48 8.94 -13.03
N ARG A 277 -21.10 10.06 -13.34
CA ARG A 277 -22.49 10.34 -12.94
C ARG A 277 -23.44 9.58 -13.84
N ASP A 278 -23.12 9.54 -15.12
CA ASP A 278 -23.87 8.76 -16.08
C ASP A 278 -23.66 7.26 -15.90
N ALA A 279 -22.52 6.87 -15.33
CA ALA A 279 -22.28 5.47 -15.00
C ALA A 279 -23.19 5.04 -13.90
N LEU A 280 -23.39 5.93 -12.92
CA LEU A 280 -24.35 5.67 -11.85
C LEU A 280 -25.79 5.36 -12.31
N ASP A 281 -26.20 5.95 -13.44
CA ASP A 281 -27.54 5.74 -14.02
C ASP A 281 -27.55 4.65 -15.08
N HIS A 282 -26.47 3.87 -15.19
CA HIS A 282 -26.40 2.86 -16.19
C HIS A 282 -27.27 1.69 -15.82
N GLU A 283 -27.89 1.06 -16.81
CA GLU A 283 -28.83 -0.05 -16.55
C GLU A 283 -28.28 -1.11 -15.60
N TRP A 284 -27.04 -1.55 -15.81
CA TRP A 284 -26.42 -2.58 -14.98
C TRP A 284 -26.40 -2.23 -13.51
N ILE A 285 -26.10 -0.98 -13.22
CA ILE A 285 -26.04 -0.48 -11.86
C ILE A 285 -27.46 -0.44 -11.33
N GLN A 286 -28.40 0.01 -12.16
CA GLN A 286 -29.80 0.10 -11.73
C GLN A 286 -30.39 -1.27 -11.38
N THR A 287 -30.32 -2.18 -12.33
CA THR A 287 -30.74 -3.57 -12.17
C THR A 287 -30.14 -4.36 -11.00
N TYR A 288 -28.80 -4.37 -10.87
CA TYR A 288 -28.11 -5.26 -9.92
C TYR A 288 -27.88 -4.66 -8.56
N THR A 289 -28.28 -3.41 -8.35
CA THR A 289 -28.21 -2.78 -7.04
C THR A 289 -29.57 -2.55 -6.41
N LYS A 290 -30.64 -2.96 -7.08
CA LYS A 290 -31.96 -3.05 -6.41
C LYS A 290 -31.93 -4.18 -5.38
N GLU A 291 -32.32 -3.86 -4.14
CA GLU A 291 -32.03 -4.77 -3.02
C GLU A 291 -32.89 -6.03 -2.99
N GLN A 292 -34.06 -5.99 -3.61
CA GLN A 292 -34.94 -7.17 -3.62
C GLN A 292 -34.55 -8.14 -4.74
N ILE A 293 -34.80 -7.74 -5.98
CA ILE A 293 -34.76 -8.67 -7.10
C ILE A 293 -33.36 -9.27 -7.29
N SER A 294 -33.30 -10.60 -7.30
CA SER A 294 -32.09 -11.35 -7.65
C SER A 294 -32.43 -12.24 -8.86
N VAL A 295 -32.86 -11.58 -9.95
CA VAL A 295 -33.49 -12.22 -11.12
C VAL A 295 -32.66 -13.37 -11.73
N ASP A 296 -31.33 -13.31 -11.63
CA ASP A 296 -30.47 -14.49 -11.88
C ASP A 296 -29.08 -14.22 -11.28
N VAL A 297 -28.81 -14.76 -10.10
CA VAL A 297 -27.61 -14.33 -9.37
C VAL A 297 -26.66 -15.48 -9.03
N PRO A 298 -26.00 -16.04 -10.05
CA PRO A 298 -24.97 -17.03 -9.76
C PRO A 298 -23.74 -16.46 -9.04
N SER A 299 -23.19 -17.26 -8.13
CA SER A 299 -21.89 -16.96 -7.55
C SER A 299 -20.86 -17.04 -8.64
N LEU A 300 -19.82 -16.21 -8.57
CA LEU A 300 -18.74 -16.21 -9.58
C LEU A 300 -17.48 -16.77 -8.94
N ASP A 301 -17.40 -18.10 -8.86
CA ASP A 301 -16.29 -18.79 -8.16
C ASP A 301 -14.96 -18.75 -8.90
N ASN A 302 -14.99 -18.85 -10.23
CA ASN A 302 -13.76 -18.68 -11.01
C ASN A 302 -13.15 -17.31 -10.70
N ALA A 303 -13.95 -16.24 -10.90
CA ALA A 303 -13.56 -14.88 -10.51
C ALA A 303 -12.94 -14.80 -9.12
N ILE A 304 -13.63 -15.32 -8.11
CA ILE A 304 -13.12 -15.25 -6.75
C ILE A 304 -11.81 -16.05 -6.64
N LEU A 305 -11.71 -17.13 -7.40
CA LEU A 305 -10.48 -17.91 -7.38
C LEU A 305 -9.31 -17.17 -8.04
N ASN A 306 -9.57 -16.51 -9.17
CA ASN A 306 -8.53 -15.73 -9.85
C ASN A 306 -8.09 -14.53 -9.03
N ILE A 307 -9.03 -13.91 -8.34
CA ILE A 307 -8.76 -12.77 -7.51
C ILE A 307 -7.91 -13.18 -6.33
N ARG A 308 -8.15 -14.38 -5.79
CA ARG A 308 -7.37 -14.86 -4.65
C ARG A 308 -5.93 -15.07 -5.08
N GLN A 309 -5.74 -15.53 -6.30
CA GLN A 309 -4.41 -15.76 -6.82
C GLN A 309 -3.70 -14.48 -7.15
N PHE A 310 -4.36 -13.63 -7.96
CA PHE A 310 -3.84 -12.30 -8.31
C PHE A 310 -3.48 -11.50 -7.07
N GLN A 311 -4.34 -11.49 -6.07
CA GLN A 311 -4.04 -10.78 -4.81
C GLN A 311 -2.83 -11.34 -4.10
N GLY A 312 -2.73 -12.66 -3.99
CA GLY A 312 -1.60 -13.27 -3.30
C GLY A 312 -0.27 -12.98 -3.98
N THR A 313 -0.23 -13.14 -5.29
CA THR A 313 0.93 -12.76 -6.09
C THR A 313 1.40 -11.35 -5.78
N GLN A 314 0.49 -10.37 -5.70
CA GLN A 314 0.83 -8.96 -5.53
C GLN A 314 1.41 -8.71 -4.18
N LYS A 315 0.75 -9.25 -3.18
CA LYS A 315 1.15 -9.08 -1.79
C LYS A 315 2.42 -9.77 -1.49
N LEU A 316 2.69 -10.90 -2.14
CA LEU A 316 4.02 -11.50 -2.00
C LEU A 316 5.14 -10.70 -2.69
N ALA A 317 4.91 -10.15 -3.88
CA ALA A 317 5.94 -9.33 -4.51
C ALA A 317 6.17 -8.07 -3.67
N GLN A 318 5.08 -7.48 -3.22
CA GLN A 318 5.14 -6.33 -2.36
C GLN A 318 5.98 -6.57 -1.15
N ALA A 319 5.71 -7.66 -0.42
CA ALA A 319 6.48 -8.01 0.78
C ALA A 319 7.90 -8.37 0.47
N ALA A 320 8.15 -8.94 -0.71
CA ALA A 320 9.51 -9.25 -1.13
C ALA A 320 10.36 -8.00 -1.19
N LEU A 321 9.87 -7.00 -1.92
CA LEU A 321 10.56 -5.73 -2.09
C LEU A 321 10.72 -4.92 -0.83
N LEU A 322 9.76 -5.01 0.08
CA LEU A 322 9.84 -4.35 1.38
C LEU A 322 10.80 -5.05 2.28
N TYR A 323 11.00 -6.34 2.06
CA TYR A 323 12.02 -7.04 2.80
C TYR A 323 13.41 -6.64 2.30
N MET A 324 13.62 -6.67 1.00
CA MET A 324 14.86 -6.13 0.42
C MET A 324 15.19 -4.71 0.89
N GLY A 325 14.18 -3.84 0.91
CA GLY A 325 14.31 -2.47 1.37
C GLY A 325 14.68 -2.40 2.82
N SER A 326 13.98 -3.17 3.65
CA SER A 326 14.28 -3.24 5.08
C SER A 326 15.68 -3.73 5.37
N LYS A 327 16.15 -4.69 4.60
CA LYS A 327 17.48 -5.17 4.82
C LYS A 327 18.49 -4.06 4.48
N LEU A 328 18.28 -3.38 3.36
CA LEU A 328 19.16 -2.28 2.99
C LEU A 328 19.11 -1.13 3.98
N THR A 329 17.92 -0.76 4.42
CA THR A 329 17.76 0.25 5.47
C THR A 329 18.55 -0.16 6.68
N SER A 330 18.39 -1.41 7.11
CA SER A 330 19.08 -1.95 8.28
C SER A 330 20.57 -1.77 8.20
N GLN A 331 21.20 -2.14 7.09
CA GLN A 331 22.65 -1.99 6.98
C GLN A 331 23.06 -0.54 7.08
N ASP A 332 22.30 0.32 6.43
CA ASP A 332 22.53 1.75 6.51
C ASP A 332 22.53 2.17 7.98
N GLU A 333 21.51 1.79 8.73
CA GLU A 333 21.29 2.25 10.12
C GLU A 333 22.17 1.59 11.18
N THR A 334 22.55 0.34 10.98
CA THR A 334 23.46 -0.33 11.88
C THR A 334 24.84 0.30 11.89
N LYS A 335 25.35 0.58 10.71
CA LYS A 335 26.68 1.15 10.60
C LYS A 335 26.63 2.58 11.11
N GLU A 336 25.52 3.28 10.88
CA GLU A 336 25.41 4.68 11.34
C GLU A 336 25.23 4.79 12.84
N LEU A 337 24.53 3.85 13.44
CA LEU A 337 24.29 3.91 14.85
C LEU A 337 25.53 3.57 15.62
N THR A 338 26.24 2.55 15.12
CA THR A 338 27.55 2.15 15.62
C THR A 338 28.54 3.33 15.61
N ALA A 339 28.58 4.11 14.54
CA ALA A 339 29.51 5.25 14.43
C ALA A 339 29.12 6.38 15.35
N ILE A 340 27.83 6.68 15.45
CA ILE A 340 27.33 7.64 16.45
C ILE A 340 27.75 7.26 17.87
N PHE A 341 27.64 5.98 18.22
CA PHE A 341 28.01 5.55 19.58
C PHE A 341 29.52 5.56 19.75
N HIS A 342 30.26 4.77 18.97
CA HIS A 342 31.74 4.85 18.95
C HIS A 342 32.28 6.28 19.19
N LYS A 343 31.60 7.30 18.69
CA LYS A 343 31.99 8.71 18.92
C LYS A 343 31.68 9.24 20.34
N MET A 344 30.44 9.05 20.80
CA MET A 344 30.02 9.48 22.15
C MET A 344 30.72 8.71 23.27
N ASP A 345 31.18 7.50 22.98
CA ASP A 345 32.02 6.72 23.90
C ASP A 345 33.44 7.30 23.92
N LYS A 346 33.65 8.29 24.77
CA LYS A 346 34.98 8.92 24.95
C LYS A 346 36.01 7.94 25.51
N ASN A 347 35.51 6.92 26.21
CA ASN A 347 36.34 5.97 26.94
C ASN A 347 37.17 5.04 26.06
N GLY A 348 36.59 4.60 24.95
CA GLY A 348 37.22 3.63 24.05
C GLY A 348 36.95 2.18 24.45
N ASP A 349 36.06 1.98 25.42
CA ASP A 349 35.80 0.66 25.98
C ASP A 349 34.63 -0.07 25.30
N GLY A 350 33.61 0.69 24.91
CA GLY A 350 32.37 0.13 24.34
C GLY A 350 31.19 0.14 25.30
N GLN A 351 31.21 1.04 26.28
CA GLN A 351 30.24 1.10 27.38
C GLN A 351 29.49 2.42 27.38
N LEU A 352 28.15 2.39 27.50
CA LEU A 352 27.33 3.61 27.62
C LEU A 352 26.11 3.42 28.56
N ASP A 353 25.37 4.51 28.83
CA ASP A 353 24.19 4.47 29.71
C ASP A 353 22.91 4.95 29.02
N ARG A 354 21.77 4.65 29.64
CA ARG A 354 20.44 4.87 29.03
C ARG A 354 20.28 6.25 28.38
N ALA A 355 20.61 7.33 29.08
CA ALA A 355 20.39 8.69 28.56
C ALA A 355 21.21 9.03 27.31
N GLU A 356 22.35 8.35 27.12
CA GLU A 356 23.19 8.54 25.94
C GLU A 356 22.73 7.69 24.75
N LEU A 357 22.56 6.39 24.96
CA LEU A 357 21.86 5.56 23.99
C LEU A 357 20.67 6.32 23.40
N ILE A 358 19.90 6.99 24.27
CA ILE A 358 18.77 7.80 23.81
C ILE A 358 19.20 8.99 22.94
N GLU A 359 20.16 9.79 23.42
CA GLU A 359 20.68 10.91 22.64
C GLU A 359 21.19 10.42 21.27
N GLY A 360 21.81 9.24 21.25
CA GLY A 360 22.35 8.65 20.02
C GLY A 360 21.28 8.17 19.07
N TYR A 361 20.29 7.47 19.61
CA TYR A 361 19.18 6.98 18.82
C TYR A 361 18.45 8.15 18.18
N LYS A 362 18.21 9.17 18.98
CA LYS A 362 17.61 10.43 18.51
C LYS A 362 18.40 11.06 17.38
N GLU A 363 19.71 11.05 17.51
CA GLU A 363 20.57 11.64 16.47
C GLU A 363 20.63 10.74 15.23
N LEU A 364 20.42 9.43 15.39
CA LEU A 364 20.14 8.61 14.22
C LEU A 364 18.89 9.16 13.53
N MET A 365 17.86 9.49 14.31
CA MET A 365 16.63 10.04 13.76
C MET A 365 16.79 11.40 13.10
N ARG A 366 17.58 12.28 13.70
CA ARG A 366 17.82 13.61 13.11
C ARG A 366 18.44 13.49 11.71
N MET A 367 19.27 12.47 11.51
CA MET A 367 19.98 12.25 10.25
C MET A 367 19.23 11.33 9.28
N LYS A 368 18.77 10.19 9.79
CA LYS A 368 18.00 9.24 8.99
C LYS A 368 16.62 9.81 8.68
N GLY A 369 15.83 10.06 9.73
CA GLY A 369 14.46 10.52 9.55
C GLY A 369 13.67 9.58 8.64
N GLN A 370 13.83 8.28 8.88
CA GLN A 370 13.13 7.22 8.15
C GLN A 370 11.96 6.63 8.98
N ASP A 371 12.05 6.72 10.32
CA ASP A 371 11.13 6.04 11.24
C ASP A 371 10.03 6.98 11.74
N ALA A 372 8.82 6.75 11.26
CA ALA A 372 7.70 7.65 11.53
C ALA A 372 6.89 7.27 12.78
N SER A 373 7.18 6.15 13.44
CA SER A 373 6.59 5.91 14.77
C SER A 373 7.45 6.52 15.90
N MET A 374 8.54 7.19 15.53
CA MET A 374 9.37 7.94 16.49
C MET A 374 9.09 9.44 16.39
N LEU A 375 7.82 9.79 16.50
CA LEU A 375 7.37 11.16 16.20
C LEU A 375 7.73 12.19 17.25
N ASP A 376 8.28 11.74 18.39
CA ASP A 376 8.79 12.68 19.40
C ASP A 376 9.91 12.07 20.28
N ALA A 377 10.49 12.91 21.14
CA ALA A 377 11.49 12.48 22.13
C ALA A 377 11.01 11.31 23.00
N SER A 378 9.71 11.26 23.29
CA SER A 378 9.12 10.25 24.15
C SER A 378 8.94 8.89 23.47
N ALA A 379 8.81 8.91 22.14
CA ALA A 379 8.74 7.69 21.33
C ALA A 379 10.09 6.97 21.31
N VAL A 380 11.14 7.77 21.40
CA VAL A 380 12.52 7.26 21.43
C VAL A 380 12.85 6.61 22.76
N GLU A 381 12.57 7.33 23.84
CA GLU A 381 12.72 6.87 25.21
C GLU A 381 12.14 5.47 25.36
N HIS A 382 10.93 5.30 24.86
CA HIS A 382 10.23 4.06 25.07
C HIS A 382 10.77 2.94 24.20
N GLU A 383 11.21 3.27 22.99
CA GLU A 383 11.87 2.29 22.16
C GLU A 383 13.15 1.78 22.81
N VAL A 384 13.96 2.69 23.34
CA VAL A 384 15.18 2.29 24.04
C VAL A 384 14.84 1.32 25.18
N ASP A 385 13.85 1.67 25.99
CA ASP A 385 13.42 0.82 27.09
C ASP A 385 12.95 -0.55 26.59
N GLN A 386 12.30 -0.60 25.44
CA GLN A 386 11.92 -1.88 24.86
C GLN A 386 13.14 -2.69 24.44
N VAL A 387 14.19 -2.02 23.99
CA VAL A 387 15.41 -2.71 23.64
C VAL A 387 16.12 -3.25 24.90
N LEU A 388 16.27 -2.38 25.90
CA LEU A 388 16.99 -2.72 27.13
C LEU A 388 16.27 -3.79 27.92
N ASP A 389 14.94 -3.73 27.88
CA ASP A 389 14.14 -4.72 28.55
C ASP A 389 14.22 -6.06 27.80
N ALA A 390 14.62 -6.03 26.54
CA ALA A 390 14.81 -7.26 25.74
C ALA A 390 16.12 -7.98 26.09
N VAL A 391 17.24 -7.28 25.96
CA VAL A 391 18.55 -7.80 26.38
C VAL A 391 18.60 -8.01 27.90
N ASP A 392 19.32 -9.03 28.36
CA ASP A 392 19.46 -9.31 29.81
C ASP A 392 20.33 -8.23 30.47
N PHE A 393 19.79 -7.01 30.55
CA PHE A 393 20.57 -5.84 30.94
C PHE A 393 19.73 -4.91 31.82
N ASP A 394 20.29 -4.54 32.97
CA ASP A 394 19.69 -3.52 33.83
C ASP A 394 19.50 -2.29 32.94
N LYS A 395 18.28 -1.77 32.87
CA LYS A 395 17.96 -0.65 31.97
C LYS A 395 18.60 0.67 32.43
N ASN A 396 19.57 0.60 33.35
CA ASN A 396 19.97 1.74 34.16
C ASN A 396 21.39 1.65 34.84
N GLY A 397 22.15 0.58 34.57
CA GLY A 397 23.60 0.58 34.78
C GLY A 397 24.22 0.98 33.46
N TYR A 398 25.47 0.57 33.21
CA TYR A 398 26.18 0.89 31.95
C TYR A 398 26.26 -0.29 30.97
N ILE A 399 25.72 -0.07 29.76
CA ILE A 399 25.48 -1.12 28.76
C ILE A 399 26.48 -1.07 27.60
N GLU A 400 26.77 -2.25 27.04
CA GLU A 400 27.68 -2.41 25.89
C GLU A 400 26.96 -2.05 24.57
N TYR A 401 27.35 -0.94 23.96
CA TYR A 401 26.65 -0.40 22.77
C TYR A 401 26.51 -1.40 21.60
N SER A 402 27.57 -2.17 21.36
CA SER A 402 27.57 -3.25 20.36
C SER A 402 26.29 -4.09 20.39
N GLU A 403 25.87 -4.54 21.57
CA GLU A 403 24.75 -5.47 21.69
C GLU A 403 23.38 -4.76 21.62
N PHE A 404 23.36 -3.49 22.04
CA PHE A 404 22.18 -2.64 21.92
C PHE A 404 21.87 -2.40 20.48
N VAL A 405 22.90 -2.20 19.67
CA VAL A 405 22.72 -1.97 18.24
C VAL A 405 22.13 -3.23 17.57
N THR A 406 22.55 -4.41 18.00
CA THR A 406 22.08 -5.63 17.35
C THR A 406 20.58 -5.82 17.55
N VAL A 407 20.20 -5.83 18.83
CA VAL A 407 18.82 -6.01 19.22
C VAL A 407 17.95 -4.91 18.61
N ALA A 408 18.46 -3.67 18.60
CA ALA A 408 17.64 -2.53 18.14
C ALA A 408 17.24 -2.66 16.67
N MET A 409 18.19 -3.04 15.81
CA MET A 409 17.94 -3.13 14.38
C MET A 409 17.05 -4.31 13.99
N ASP A 410 17.41 -5.51 14.43
CA ASP A 410 16.54 -6.67 14.24
C ASP A 410 15.05 -6.39 14.55
N ARG A 411 14.81 -5.71 15.65
CA ARG A 411 13.46 -5.30 16.07
C ARG A 411 12.73 -4.53 14.96
N LYS A 412 13.48 -3.85 14.11
CA LYS A 412 12.92 -3.14 12.96
C LYS A 412 12.64 -4.09 11.80
N THR A 413 13.56 -5.04 11.59
CA THR A 413 13.42 -6.04 10.53
C THR A 413 12.36 -7.08 10.86
N LEU A 414 11.84 -7.05 12.09
CA LEU A 414 10.81 -8.00 12.51
C LEU A 414 9.59 -7.86 11.64
N LEU A 415 9.00 -6.65 11.61
CA LEU A 415 7.72 -6.39 10.90
C LEU A 415 7.75 -6.87 9.44
N SER A 416 8.83 -6.55 8.73
CA SER A 416 8.96 -6.92 7.32
C SER A 416 9.45 -8.35 7.06
N ARG A 417 10.19 -8.97 7.99
CA ARG A 417 10.60 -10.37 7.84
C ARG A 417 9.46 -11.35 8.17
N GLU A 418 8.68 -11.00 9.18
CA GLU A 418 7.55 -11.79 9.60
C GLU A 418 6.42 -11.66 8.60
N ARG A 419 6.31 -10.50 7.93
CA ARG A 419 5.29 -10.31 6.92
C ARG A 419 5.67 -11.00 5.65
N LEU A 420 6.97 -11.05 5.36
CA LEU A 420 7.46 -11.84 4.19
C LEU A 420 7.07 -13.30 4.35
N GLU A 421 7.41 -13.90 5.50
CA GLU A 421 7.01 -15.27 5.82
C GLU A 421 5.51 -15.46 5.71
N ARG A 422 4.74 -14.55 6.29
CA ARG A 422 3.30 -14.63 6.17
C ARG A 422 2.78 -14.47 4.75
N ALA A 423 3.29 -13.52 3.97
CA ALA A 423 2.81 -13.42 2.59
C ALA A 423 3.22 -14.66 1.80
N PHE A 424 4.37 -15.25 2.16
CA PHE A 424 4.78 -16.54 1.56
C PHE A 424 3.80 -17.71 1.90
N ARG A 425 3.48 -17.89 3.18
CA ARG A 425 2.48 -18.90 3.60
C ARG A 425 1.14 -18.66 2.90
N MET A 426 0.68 -17.43 2.90
CA MET A 426 -0.60 -17.09 2.29
C MET A 426 -0.55 -17.35 0.76
N PHE A 427 0.62 -17.25 0.16
CA PHE A 427 0.71 -17.48 -1.28
C PHE A 427 0.66 -18.97 -1.57
N ASP A 428 1.29 -19.75 -0.69
CA ASP A 428 1.34 -21.18 -0.82
C ASP A 428 -0.02 -21.77 -0.43
N SER A 429 -0.99 -21.69 -1.34
CA SER A 429 -2.39 -21.98 -0.97
C SER A 429 -2.66 -23.46 -0.67
N ASP A 430 -1.86 -24.35 -1.26
CA ASP A 430 -2.02 -25.80 -1.05
CA ASP A 430 -2.03 -25.80 -1.05
C ASP A 430 -1.07 -26.37 0.01
N ASN A 431 -0.40 -25.47 0.72
CA ASN A 431 0.48 -25.84 1.82
C ASN A 431 1.59 -26.83 1.42
N SER A 432 2.12 -26.63 0.20
CA SER A 432 3.18 -27.46 -0.39
C SER A 432 4.53 -27.18 0.24
N GLY A 433 4.64 -25.99 0.83
CA GLY A 433 5.88 -25.47 1.41
C GLY A 433 6.81 -24.78 0.42
N LYS A 434 6.43 -24.78 -0.86
CA LYS A 434 7.34 -24.42 -1.93
C LYS A 434 6.63 -23.63 -3.05
N ILE A 435 7.41 -22.88 -3.85
CA ILE A 435 6.86 -22.22 -5.02
CA ILE A 435 6.92 -22.13 -5.01
C ILE A 435 7.60 -22.61 -6.31
N SER A 436 6.83 -22.93 -7.32
CA SER A 436 7.39 -23.42 -8.57
C SER A 436 8.21 -22.32 -9.24
N SER A 437 9.15 -22.72 -10.09
CA SER A 437 9.92 -21.78 -10.89
C SER A 437 9.04 -20.89 -11.72
N THR A 438 7.86 -21.40 -12.10
CA THR A 438 6.90 -20.65 -12.91
C THR A 438 6.24 -19.59 -12.08
N GLU A 439 5.98 -19.90 -10.82
CA GLU A 439 5.37 -18.97 -9.91
C GLU A 439 6.35 -17.86 -9.58
N LEU A 440 7.59 -18.19 -9.22
CA LEU A 440 8.64 -17.14 -9.09
C LEU A 440 8.73 -16.21 -10.27
N ALA A 441 8.53 -16.72 -11.47
CA ALA A 441 8.66 -15.89 -12.67
C ALA A 441 7.63 -14.78 -12.59
N THR A 442 6.41 -15.14 -12.26
CA THR A 442 5.33 -14.19 -12.04
C THR A 442 5.61 -13.28 -10.84
N ILE A 443 6.23 -13.80 -9.80
CA ILE A 443 6.52 -12.97 -8.66
C ILE A 443 7.59 -11.92 -8.98
N PHE A 444 8.69 -12.32 -9.60
CA PHE A 444 9.73 -11.39 -9.97
C PHE A 444 9.36 -10.52 -11.19
N GLY A 445 8.43 -10.96 -12.02
CA GLY A 445 7.90 -10.09 -13.06
C GLY A 445 7.21 -8.86 -12.48
N VAL A 446 6.34 -9.10 -11.50
CA VAL A 446 5.57 -8.06 -10.82
C VAL A 446 6.48 -7.12 -10.00
N SER A 447 7.58 -7.66 -9.43
CA SER A 447 8.54 -6.85 -8.65
C SER A 447 9.59 -6.24 -9.56
N ASP A 448 9.46 -6.54 -10.84
CA ASP A 448 10.30 -5.95 -11.85
C ASP A 448 11.79 -6.19 -11.63
N VAL A 449 12.11 -7.39 -11.15
CA VAL A 449 13.47 -7.91 -11.11
C VAL A 449 13.78 -8.70 -12.39
N ASP A 450 14.69 -8.21 -13.22
CA ASP A 450 15.14 -8.92 -14.41
C ASP A 450 15.24 -10.45 -14.25
N SER A 451 14.79 -11.16 -15.27
CA SER A 451 14.78 -12.62 -15.30
C SER A 451 16.16 -13.27 -15.25
N GLU A 452 17.09 -12.75 -16.03
CA GLU A 452 18.44 -13.32 -16.02
C GLU A 452 19.01 -13.18 -14.61
N THR A 453 18.70 -12.07 -13.97
CA THR A 453 19.22 -11.76 -12.66
C THR A 453 18.69 -12.71 -11.58
N TRP A 454 17.40 -13.04 -11.58
CA TRP A 454 16.92 -13.95 -10.50
C TRP A 454 17.26 -15.42 -10.75
N LYS A 455 17.30 -15.83 -12.02
CA LYS A 455 17.78 -17.19 -12.38
C LYS A 455 19.23 -17.35 -11.97
N SER A 456 19.98 -16.29 -12.16
CA SER A 456 21.38 -16.28 -11.77
C SER A 456 21.53 -16.42 -10.26
N VAL A 457 20.56 -15.92 -9.50
CA VAL A 457 20.62 -15.95 -8.04
C VAL A 457 20.14 -17.31 -7.51
N LEU A 458 19.02 -17.78 -8.03
CA LEU A 458 18.55 -19.15 -7.79
C LEU A 458 19.65 -20.20 -8.00
N SER A 459 20.17 -20.24 -9.22
CA SER A 459 21.25 -21.11 -9.57
C SER A 459 22.30 -21.18 -8.48
N GLU A 460 22.61 -20.05 -7.87
CA GLU A 460 23.66 -20.00 -6.85
C GLU A 460 23.24 -20.37 -5.41
N VAL A 461 21.96 -20.27 -5.10
CA VAL A 461 21.47 -20.66 -3.76
C VAL A 461 21.44 -22.18 -3.68
N ASP A 462 20.51 -22.79 -4.44
CA ASP A 462 20.46 -24.23 -4.58
C ASP A 462 20.95 -24.66 -5.99
N LYS A 463 22.22 -25.04 -6.04
CA LYS A 463 22.86 -25.41 -7.28
C LYS A 463 22.43 -26.81 -7.77
N ASN A 464 21.53 -27.48 -7.05
CA ASN A 464 20.98 -28.78 -7.48
C ASN A 464 19.49 -28.68 -7.76
N ASN A 465 18.93 -27.49 -7.66
CA ASN A 465 17.48 -27.43 -7.53
C ASN A 465 16.74 -27.92 -8.78
N ASP A 466 15.43 -28.09 -8.60
CA ASP A 466 14.55 -28.59 -9.64
C ASP A 466 13.34 -27.66 -9.69
N GLY A 467 13.61 -26.39 -9.95
CA GLY A 467 12.56 -25.43 -10.19
C GLY A 467 11.49 -25.33 -9.13
N GLU A 468 11.89 -25.26 -7.86
CA GLU A 468 11.01 -24.95 -6.75
C GLU A 468 11.91 -24.52 -5.61
N VAL A 469 11.46 -23.54 -4.81
CA VAL A 469 12.17 -23.10 -3.63
C VAL A 469 11.26 -23.11 -2.40
N ASP A 470 11.81 -23.45 -1.24
CA ASP A 470 11.09 -23.34 0.01
C ASP A 470 11.33 -21.96 0.54
N PHE A 471 10.80 -21.68 1.72
CA PHE A 471 10.90 -20.36 2.30
C PHE A 471 12.33 -19.95 2.60
N ASP A 472 13.13 -20.80 3.23
CA ASP A 472 14.55 -20.48 3.47
C ASP A 472 15.30 -20.09 2.17
N GLU A 473 15.06 -20.84 1.10
CA GLU A 473 15.72 -20.63 -0.19
C GLU A 473 15.29 -19.30 -0.81
N PHE A 474 13.97 -19.07 -0.83
CA PHE A 474 13.38 -17.86 -1.36
C PHE A 474 13.98 -16.68 -0.64
N GLN A 475 14.05 -16.77 0.68
CA GLN A 475 14.60 -15.67 1.45
C GLN A 475 16.08 -15.43 1.14
N GLN A 476 16.86 -16.48 0.97
CA GLN A 476 18.23 -16.31 0.54
C GLN A 476 18.32 -15.61 -0.80
N MET A 477 17.44 -15.94 -1.73
CA MET A 477 17.46 -15.25 -3.02
C MET A 477 17.28 -13.76 -2.88
N LEU A 478 16.37 -13.33 -2.02
CA LEU A 478 16.14 -11.91 -1.79
C LEU A 478 17.33 -11.22 -1.18
N LEU A 479 18.01 -11.89 -0.25
CA LEU A 479 19.21 -11.32 0.38
C LEU A 479 20.33 -11.15 -0.62
N LYS A 480 20.35 -12.04 -1.60
CA LYS A 480 21.34 -11.98 -2.64
C LYS A 480 21.02 -10.87 -3.61
N LEU A 481 19.74 -10.65 -3.87
CA LEU A 481 19.30 -9.59 -4.75
C LEU A 481 19.41 -8.20 -4.12
N CYS A 482 19.73 -8.09 -2.84
CA CYS A 482 20.09 -6.77 -2.31
C CYS A 482 21.50 -6.75 -1.80
N GLY A 483 22.35 -7.58 -2.42
CA GLY A 483 23.80 -7.40 -2.40
C GLY A 483 24.51 -8.20 -1.36
N ASN A 484 23.75 -8.99 -0.61
CA ASN A 484 24.30 -9.80 0.46
C ASN A 484 24.34 -11.26 0.04
CAA UW1 B . -5.32 13.95 1.98
CAM UW1 B . -5.05 12.49 2.30
OAP UW1 B . -4.99 12.35 3.73
CAR UW1 B . -4.78 11.10 4.24
CAK UW1 B . -4.69 9.99 3.46
CAH UW1 B . -4.76 11.03 5.61
CAI UW1 B . -4.79 9.82 6.23
CAW UW1 B . -4.83 8.63 5.48
CAL UW1 B . -4.96 7.34 6.05
CAX UW1 B . -4.73 8.72 4.08
NAN UW1 B . -4.75 7.61 3.29
CAJ UW1 B . -4.92 6.44 3.87
CAS UW1 B . -5.02 6.24 5.25
CAU UW1 B . -5.11 4.88 5.79
NAO UW1 B . -4.26 3.97 5.32
NAY UW1 B . -4.54 2.82 6.00
CAZ UW1 B . -3.72 1.60 5.63
CAC UW1 B . -2.75 1.96 4.52
CAD UW1 B . -2.92 1.14 6.86
CAB UW1 B . -4.66 0.50 5.15
CAT UW1 B . -5.52 2.98 6.90
NAF UW1 B . -5.91 2.05 7.79
CAV UW1 B . -5.96 4.32 6.78
CAQ UW1 B . -7.11 4.83 7.55
OAG UW1 B . -7.50 4.23 8.54
NAE UW1 B . -7.74 5.92 7.15
#